data_5ZZ7
#
_entry.id   5ZZ7
#
_cell.length_a   50.376
_cell.length_b   76.835
_cell.length_c   61.346
_cell.angle_alpha   90.000
_cell.angle_beta   90.600
_cell.angle_gamma   90.000
#
_symmetry.space_group_name_H-M   'P 1 21 1'
#
loop_
_entity.id
_entity.type
_entity.pdbx_description
1 polymer 'Redox-sensing transcriptional repressor Rex 1'
2 non-polymer '1,4-DIHYDRONICOTINAMIDE ADENINE DINUCLEOTIDE'
3 non-polymer GLYCEROL
4 water water
#
_entity_poly.entity_id   1
_entity_poly.type   'polypeptide(L)'
_entity_poly.pdbx_seq_one_letter_code
;MAEKIPKPVSKRLVSYYMCLERLLDEGVEVVSSEELARRLDLKASQIRKDLSYFGEFGKRGVGYNVEHLYDAIGEILGVK
KEWKLVVVGAGNIGRAVANYTVMKEKGFRIIGIFDSDPSKIGKEAAPGLTVSDVSELEKFVEEHGVEIGVIAVPAEHAQE
IAERLEKAGIKGILNFAPVKIKVSVPVENIDITASLRVLTFEIVRRNS
;
_entity_poly.pdbx_strand_id   A,B
#
# COMPACT_ATOMS: atom_id res chain seq x y z
N GLU A 3 -28.92 1.48 -3.22
CA GLU A 3 -28.39 0.42 -2.37
C GLU A 3 -28.15 0.93 -0.95
N LYS A 4 -29.16 0.84 -0.10
CA LYS A 4 -29.07 1.30 1.27
C LYS A 4 -28.63 0.14 2.16
N ILE A 5 -27.37 0.19 2.59
CA ILE A 5 -26.79 -0.84 3.45
C ILE A 5 -26.38 -0.18 4.76
N PRO A 6 -26.93 -0.59 5.90
CA PRO A 6 -26.52 0.03 7.17
C PRO A 6 -25.05 -0.22 7.47
N LYS A 7 -24.48 0.69 8.26
CA LYS A 7 -23.07 0.57 8.63
C LYS A 7 -22.74 -0.72 9.37
N PRO A 8 -23.53 -1.21 10.32
CA PRO A 8 -23.19 -2.51 10.94
C PRO A 8 -23.20 -3.65 9.94
N VAL A 9 -24.11 -3.63 8.97
CA VAL A 9 -24.12 -4.67 7.95
C VAL A 9 -22.98 -4.45 6.95
N SER A 10 -22.75 -3.19 6.56
CA SER A 10 -21.68 -2.89 5.61
C SER A 10 -20.31 -3.20 6.20
N LYS A 11 -20.14 -3.05 7.52
CA LYS A 11 -18.85 -3.33 8.12
C LYS A 11 -18.48 -4.80 8.03
N ARG A 12 -19.48 -5.70 8.11
CA ARG A 12 -19.20 -7.13 8.02
C ARG A 12 -18.96 -7.58 6.59
N LEU A 13 -19.63 -6.96 5.61
CA LEU A 13 -19.45 -7.36 4.22
C LEU A 13 -18.00 -7.17 3.78
N VAL A 14 -17.39 -6.05 4.15
CA VAL A 14 -15.98 -5.83 3.82
C VAL A 14 -15.11 -6.81 4.58
N SER A 15 -15.47 -7.12 5.83
CA SER A 15 -14.74 -8.14 6.58
C SER A 15 -14.83 -9.49 5.89
N TYR A 16 -16.04 -9.89 5.48
CA TYR A 16 -16.21 -11.08 4.65
C TYR A 16 -15.37 -10.97 3.38
N TYR A 17 -15.44 -9.83 2.71
CA TYR A 17 -14.74 -9.63 1.45
C TYR A 17 -13.24 -9.82 1.62
N MET A 18 -12.64 -9.11 2.58
CA MET A 18 -11.21 -9.25 2.84
C MET A 18 -10.86 -10.67 3.26
N CYS A 19 -11.70 -11.30 4.07
CA CYS A 19 -11.44 -12.67 4.50
C CYS A 19 -11.50 -13.62 3.31
N LEU A 20 -12.59 -13.54 2.52
CA LEU A 20 -12.73 -14.40 1.35
C LEU A 20 -11.59 -14.20 0.36
N GLU A 21 -11.10 -12.97 0.23
CA GLU A 21 -10.00 -12.72 -0.71
C GLU A 21 -8.76 -13.51 -0.32
N ARG A 22 -8.43 -13.54 0.98
CA ARG A 22 -7.29 -14.33 1.42
C ARG A 22 -7.55 -15.82 1.24
N LEU A 23 -8.81 -16.25 1.40
CA LEU A 23 -9.13 -17.67 1.21
C LEU A 23 -8.86 -18.10 -0.23
N LEU A 24 -9.17 -17.23 -1.21
CA LEU A 24 -8.87 -17.55 -2.60
C LEU A 24 -7.37 -17.60 -2.84
N ASP A 25 -6.61 -16.67 -2.23
CA ASP A 25 -5.16 -16.70 -2.38
C ASP A 25 -4.52 -17.85 -1.61
N GLU A 26 -5.25 -18.44 -0.65
CA GLU A 26 -4.80 -19.66 0.02
C GLU A 26 -5.20 -20.92 -0.73
N GLY A 27 -5.83 -20.79 -1.89
CA GLY A 27 -6.30 -21.95 -2.62
C GLY A 27 -7.52 -22.61 -2.04
N VAL A 28 -8.23 -21.94 -1.12
CA VAL A 28 -9.41 -22.53 -0.49
C VAL A 28 -10.61 -22.33 -1.39
N GLU A 29 -11.31 -23.43 -1.69
CA GLU A 29 -12.52 -23.37 -2.51
C GLU A 29 -13.80 -23.46 -1.69
N VAL A 30 -13.77 -24.14 -0.54
CA VAL A 30 -14.94 -24.30 0.32
C VAL A 30 -14.54 -23.92 1.74
N VAL A 31 -15.40 -23.14 2.39
CA VAL A 31 -15.18 -22.72 3.77
C VAL A 31 -16.45 -22.99 4.57
N SER A 32 -16.25 -23.30 5.85
CA SER A 32 -17.36 -23.53 6.77
C SER A 32 -17.67 -22.27 7.57
N SER A 33 -18.87 -22.22 8.13
CA SER A 33 -19.24 -21.11 8.98
C SER A 33 -18.39 -21.05 10.24
N GLU A 34 -17.95 -22.21 10.73
CA GLU A 34 -17.09 -22.23 11.92
C GLU A 34 -15.69 -21.71 11.59
N GLU A 35 -15.17 -22.06 10.41
CA GLU A 35 -13.87 -21.53 10.00
C GLU A 35 -13.94 -20.03 9.78
N LEU A 36 -15.02 -19.54 9.15
CA LEU A 36 -15.20 -18.10 9.03
C LEU A 36 -15.33 -17.45 10.39
N ALA A 37 -16.01 -18.12 11.32
CA ALA A 37 -16.09 -17.63 12.69
C ALA A 37 -14.71 -17.55 13.33
N ARG A 38 -13.84 -18.51 12.99
CA ARG A 38 -12.51 -18.54 13.60
C ARG A 38 -11.64 -17.39 13.11
N ARG A 39 -11.75 -17.05 11.83
CA ARG A 39 -10.89 -16.03 11.22
C ARG A 39 -11.46 -14.63 11.34
N LEU A 40 -12.78 -14.49 11.54
CA LEU A 40 -13.42 -13.18 11.62
C LEU A 40 -13.75 -12.76 13.04
N ASP A 41 -13.61 -13.66 14.02
CA ASP A 41 -13.99 -13.38 15.40
C ASP A 41 -15.44 -12.94 15.51
N LEU A 42 -16.31 -13.60 14.75
CA LEU A 42 -17.74 -13.41 14.82
C LEU A 42 -18.41 -14.74 15.13
N LYS A 43 -19.62 -14.67 15.69
CA LYS A 43 -20.35 -15.88 16.00
C LYS A 43 -20.74 -16.62 14.72
N ALA A 44 -20.57 -17.94 14.75
CA ALA A 44 -20.93 -18.75 13.58
C ALA A 44 -22.42 -18.65 13.27
N SER A 45 -23.25 -18.36 14.28
CA SER A 45 -24.66 -18.13 14.03
C SER A 45 -24.88 -16.86 13.21
N GLN A 46 -23.99 -15.87 13.36
CA GLN A 46 -24.11 -14.65 12.59
C GLN A 46 -23.68 -14.84 11.14
N ILE A 47 -22.64 -15.66 10.92
CA ILE A 47 -22.15 -15.88 9.56
C ILE A 47 -23.22 -16.58 8.73
N ARG A 48 -23.77 -17.67 9.25
CA ARG A 48 -24.82 -18.39 8.52
C ARG A 48 -26.05 -17.51 8.31
N LYS A 49 -26.29 -16.57 9.23
CA LYS A 49 -27.40 -15.63 9.06
C LYS A 49 -27.11 -14.66 7.93
N ASP A 50 -25.88 -14.13 7.87
CA ASP A 50 -25.52 -13.20 6.80
C ASP A 50 -25.43 -13.91 5.46
N LEU A 51 -24.78 -15.07 5.42
CA LEU A 51 -24.49 -15.73 4.15
C LEU A 51 -25.69 -16.47 3.56
N SER A 52 -26.76 -16.68 4.33
CA SER A 52 -27.99 -17.22 3.75
C SER A 52 -28.61 -16.26 2.76
N TYR A 53 -28.19 -14.98 2.79
CA TYR A 53 -28.65 -13.99 1.82
C TYR A 53 -28.36 -14.43 0.39
N PHE A 54 -27.30 -15.21 0.18
CA PHE A 54 -26.88 -15.63 -1.14
C PHE A 54 -27.40 -17.01 -1.54
N GLY A 55 -28.20 -17.64 -0.69
CA GLY A 55 -28.88 -18.89 -1.01
C GLY A 55 -27.94 -20.01 -1.39
N GLU A 56 -28.41 -20.88 -2.28
CA GLU A 56 -27.61 -22.00 -2.76
C GLU A 56 -26.43 -21.52 -3.59
N PHE A 57 -26.52 -20.35 -4.21
CA PHE A 57 -25.43 -19.82 -5.01
C PHE A 57 -24.16 -19.64 -4.18
N GLY A 58 -24.31 -19.34 -2.88
CA GLY A 58 -23.17 -19.17 -2.01
C GLY A 58 -22.71 -20.40 -1.26
N LYS A 59 -23.36 -21.55 -1.47
CA LYS A 59 -23.00 -22.78 -0.80
C LYS A 59 -22.36 -23.75 -1.78
N ARG A 60 -21.45 -24.58 -1.27
CA ARG A 60 -20.80 -25.62 -2.06
C ARG A 60 -20.46 -26.77 -1.15
N GLY A 61 -21.04 -27.94 -1.44
CA GLY A 61 -20.81 -29.08 -0.57
C GLY A 61 -21.43 -28.87 0.79
N VAL A 62 -20.63 -29.08 1.84
CA VAL A 62 -21.08 -28.87 3.22
C VAL A 62 -20.77 -27.47 3.72
N GLY A 63 -20.12 -26.64 2.93
CA GLY A 63 -19.74 -25.30 3.35
C GLY A 63 -20.21 -24.26 2.35
N TYR A 64 -19.40 -23.23 2.18
CA TYR A 64 -19.73 -22.09 1.32
C TYR A 64 -18.79 -22.05 0.13
N ASN A 65 -19.34 -21.61 -1.01
CA ASN A 65 -18.52 -21.36 -2.19
C ASN A 65 -17.76 -20.07 -1.99
N VAL A 66 -16.43 -20.16 -1.82
CA VAL A 66 -15.63 -18.99 -1.52
C VAL A 66 -15.64 -18.02 -2.70
N GLU A 67 -15.55 -18.54 -3.92
CA GLU A 67 -15.48 -17.70 -5.10
C GLU A 67 -16.82 -17.00 -5.34
N HIS A 68 -17.92 -17.75 -5.29
CA HIS A 68 -19.24 -17.14 -5.50
C HIS A 68 -19.52 -16.06 -4.46
N LEU A 69 -19.18 -16.32 -3.20
CA LEU A 69 -19.38 -15.33 -2.16
C LEU A 69 -18.50 -14.11 -2.38
N TYR A 70 -17.28 -14.32 -2.87
CA TYR A 70 -16.39 -13.19 -3.14
C TYR A 70 -16.94 -12.32 -4.26
N ASP A 71 -17.46 -12.94 -5.32
CA ASP A 71 -18.04 -12.17 -6.42
C ASP A 71 -19.30 -11.43 -5.99
N ALA A 72 -20.15 -12.09 -5.21
CA ALA A 72 -21.44 -11.50 -4.86
C ALA A 72 -21.28 -10.38 -3.83
N ILE A 73 -20.39 -10.56 -2.85
CA ILE A 73 -20.20 -9.52 -1.84
C ILE A 73 -19.55 -8.29 -2.46
N GLY A 74 -18.52 -8.49 -3.29
CA GLY A 74 -17.95 -7.38 -4.03
C GLY A 74 -18.96 -6.71 -4.94
N GLU A 75 -19.92 -7.47 -5.46
CA GLU A 75 -20.98 -6.91 -6.28
C GLU A 75 -21.89 -6.00 -5.45
N ILE A 76 -22.28 -6.46 -4.27
CA ILE A 76 -23.18 -5.68 -3.42
C ILE A 76 -22.49 -4.41 -2.95
N LEU A 77 -21.21 -4.51 -2.57
CA LEU A 77 -20.46 -3.34 -2.16
C LEU A 77 -20.23 -2.36 -3.31
N GLY A 78 -20.40 -2.80 -4.55
CA GLY A 78 -20.18 -1.94 -5.70
C GLY A 78 -18.74 -1.73 -6.06
N VAL A 79 -17.88 -2.70 -5.77
CA VAL A 79 -16.44 -2.59 -6.05
C VAL A 79 -15.96 -3.60 -7.09
N LYS A 80 -16.80 -4.53 -7.51
CA LYS A 80 -16.39 -5.52 -8.52
C LYS A 80 -16.26 -4.91 -9.91
N LYS A 81 -16.91 -3.77 -10.16
CA LYS A 81 -16.89 -3.13 -11.46
C LYS A 81 -15.46 -2.75 -11.88
N GLU A 82 -15.30 -2.51 -13.18
CA GLU A 82 -14.06 -1.96 -13.68
C GLU A 82 -13.97 -0.48 -13.37
N TRP A 83 -12.77 -0.02 -13.02
CA TRP A 83 -12.52 1.37 -12.66
C TRP A 83 -11.60 2.01 -13.68
N LYS A 84 -12.01 3.14 -14.23
CA LYS A 84 -11.18 3.88 -15.16
C LYS A 84 -10.20 4.76 -14.40
N LEU A 85 -8.91 4.64 -14.72
CA LEU A 85 -7.86 5.35 -14.00
C LEU A 85 -7.05 6.21 -14.96
N VAL A 86 -6.52 7.31 -14.44
CA VAL A 86 -5.52 8.11 -15.13
C VAL A 86 -4.33 8.30 -14.19
N VAL A 87 -3.15 8.37 -14.77
CA VAL A 87 -1.91 8.60 -14.03
C VAL A 87 -1.40 9.99 -14.38
N VAL A 88 -1.26 10.84 -13.37
CA VAL A 88 -0.67 12.16 -13.54
C VAL A 88 0.80 12.06 -13.14
N GLY A 89 1.69 12.21 -14.13
CA GLY A 89 3.10 12.02 -13.90
C GLY A 89 3.61 10.76 -14.58
N ALA A 90 4.41 10.93 -15.62
CA ALA A 90 4.89 9.82 -16.43
C ALA A 90 6.37 9.53 -16.19
N GLY A 91 6.79 9.59 -14.93
CA GLY A 91 8.16 9.29 -14.57
C GLY A 91 8.38 7.83 -14.23
N ASN A 92 9.20 7.57 -13.21
CA ASN A 92 9.47 6.19 -12.81
C ASN A 92 8.23 5.54 -12.20
N ILE A 93 7.61 6.22 -11.24
CA ILE A 93 6.41 5.68 -10.60
C ILE A 93 5.29 5.54 -11.62
N GLY A 94 5.08 6.56 -12.45
CA GLY A 94 4.00 6.51 -13.42
C GLY A 94 4.16 5.39 -14.43
N ARG A 95 5.40 5.15 -14.88
CA ARG A 95 5.63 4.10 -15.86
C ARG A 95 5.43 2.72 -15.24
N ALA A 96 5.94 2.51 -14.03
CA ALA A 96 5.75 1.23 -13.35
C ALA A 96 4.26 0.96 -13.12
N VAL A 97 3.51 1.99 -12.75
CA VAL A 97 2.08 1.84 -12.57
C VAL A 97 1.40 1.54 -13.90
N ALA A 98 1.87 2.16 -14.97
CA ALA A 98 1.25 1.97 -16.28
C ALA A 98 1.46 0.55 -16.82
N ASN A 99 2.54 -0.11 -16.41
CA ASN A 99 2.86 -1.45 -16.89
C ASN A 99 2.58 -2.53 -15.86
N TYR A 100 1.86 -2.20 -14.78
CA TYR A 100 1.60 -3.17 -13.72
C TYR A 100 0.50 -4.12 -14.17
N THR A 101 0.82 -5.42 -14.22
CA THR A 101 -0.12 -6.41 -14.74
C THR A 101 -1.29 -6.63 -13.79
N VAL A 102 -1.00 -6.72 -12.48
CA VAL A 102 -2.02 -7.10 -11.49
C VAL A 102 -3.19 -6.12 -11.50
N MET A 103 -2.94 -4.86 -11.88
CA MET A 103 -4.03 -3.87 -11.91
C MET A 103 -5.14 -4.32 -12.85
N LYS A 104 -4.79 -4.70 -14.09
CA LYS A 104 -5.80 -5.08 -15.06
C LYS A 104 -6.58 -6.30 -14.60
N GLU A 105 -5.91 -7.23 -13.92
CA GLU A 105 -6.58 -8.45 -13.47
C GLU A 105 -7.67 -8.15 -12.45
N LYS A 106 -7.43 -7.18 -11.57
CA LYS A 106 -8.38 -6.83 -10.52
C LYS A 106 -9.35 -5.75 -10.95
N GLY A 107 -9.29 -5.30 -12.20
CA GLY A 107 -10.29 -4.38 -12.72
C GLY A 107 -9.92 -2.91 -12.66
N PHE A 108 -8.64 -2.57 -12.55
CA PHE A 108 -8.18 -1.18 -12.53
C PHE A 108 -7.49 -0.91 -13.86
N ARG A 109 -8.21 -0.29 -14.79
CA ARG A 109 -7.73 -0.05 -16.14
C ARG A 109 -7.31 1.40 -16.29
N ILE A 110 -6.06 1.62 -16.68
CA ILE A 110 -5.52 2.95 -16.91
C ILE A 110 -5.79 3.33 -18.36
N ILE A 111 -6.68 4.29 -18.57
CA ILE A 111 -7.06 4.71 -19.92
C ILE A 111 -6.32 5.97 -20.37
N GLY A 112 -5.44 6.52 -19.55
CA GLY A 112 -4.69 7.70 -19.92
C GLY A 112 -3.62 8.07 -18.92
N ILE A 113 -2.55 8.71 -19.40
CA ILE A 113 -1.47 9.15 -18.53
C ILE A 113 -1.05 10.55 -18.97
N PHE A 114 -0.69 11.39 -18.00
CA PHE A 114 -0.43 12.80 -18.25
C PHE A 114 0.91 13.21 -17.65
N ASP A 115 1.56 14.16 -18.32
CA ASP A 115 2.83 14.71 -17.85
C ASP A 115 3.00 16.09 -18.45
N SER A 116 3.49 17.03 -17.63
CA SER A 116 3.70 18.40 -18.04
C SER A 116 5.02 18.63 -18.76
N ASP A 117 5.75 17.56 -19.08
CA ASP A 117 7.06 17.69 -19.73
C ASP A 117 6.87 17.62 -21.24
N PRO A 118 7.16 18.69 -21.98
CA PRO A 118 6.95 18.64 -23.44
C PRO A 118 7.78 17.58 -24.14
N SER A 119 9.00 17.30 -23.66
CA SER A 119 9.82 16.27 -24.27
C SER A 119 9.28 14.87 -24.02
N LYS A 120 8.43 14.70 -22.99
CA LYS A 120 7.82 13.40 -22.72
C LYS A 120 6.50 13.21 -23.47
N ILE A 121 5.75 14.29 -23.70
CA ILE A 121 4.46 14.17 -24.37
C ILE A 121 4.64 13.56 -25.75
N GLY A 122 3.76 12.62 -26.10
CA GLY A 122 3.82 11.91 -27.35
C GLY A 122 4.42 10.52 -27.25
N LYS A 123 5.19 10.25 -26.19
CA LYS A 123 5.82 8.95 -26.01
C LYS A 123 4.78 7.89 -25.67
N GLU A 124 5.23 6.63 -25.57
CA GLU A 124 4.33 5.51 -25.36
C GLU A 124 4.18 5.14 -23.89
N ALA A 125 5.27 5.19 -23.11
CA ALA A 125 5.27 4.83 -21.70
C ALA A 125 4.87 3.37 -21.48
N ALA A 126 3.68 2.99 -21.93
CA ALA A 126 3.18 1.63 -21.84
C ALA A 126 2.53 1.24 -23.16
N PRO A 127 2.52 -0.05 -23.50
CA PRO A 127 1.91 -0.47 -24.77
C PRO A 127 0.41 -0.24 -24.76
N GLY A 128 -0.08 0.44 -25.80
CA GLY A 128 -1.50 0.69 -25.96
C GLY A 128 -2.00 1.99 -25.36
N LEU A 129 -1.10 2.90 -24.97
CA LEU A 129 -1.50 4.17 -24.39
C LEU A 129 -0.46 5.23 -24.74
N THR A 130 -0.90 6.48 -24.74
CA THR A 130 -0.05 7.61 -25.09
C THR A 130 -0.10 8.65 -23.99
N VAL A 131 1.06 9.23 -23.67
CA VAL A 131 1.12 10.27 -22.67
C VAL A 131 0.55 11.56 -23.26
N SER A 132 -0.18 12.30 -22.43
CA SER A 132 -0.87 13.51 -22.87
C SER A 132 -0.39 14.72 -22.08
N ASP A 133 -0.76 15.90 -22.56
CA ASP A 133 -0.51 17.14 -21.84
C ASP A 133 -1.47 17.26 -20.67
N VAL A 134 -0.96 17.77 -19.54
CA VAL A 134 -1.77 17.91 -18.34
C VAL A 134 -2.82 19.01 -18.46
N SER A 135 -2.72 19.86 -19.47
CA SER A 135 -3.74 20.89 -19.66
C SER A 135 -5.10 20.29 -19.99
N GLU A 136 -5.11 19.14 -20.66
CA GLU A 136 -6.34 18.44 -21.03
C GLU A 136 -6.76 17.42 -19.99
N LEU A 137 -6.22 17.49 -18.77
CA LEU A 137 -6.58 16.52 -17.75
C LEU A 137 -8.04 16.67 -17.32
N GLU A 138 -8.49 17.92 -17.15
CA GLU A 138 -9.89 18.15 -16.80
C GLU A 138 -10.82 17.62 -17.89
N LYS A 139 -10.49 17.89 -19.16
CA LYS A 139 -11.34 17.45 -20.25
C LYS A 139 -11.37 15.93 -20.35
N PHE A 140 -10.21 15.28 -20.19
CA PHE A 140 -10.15 13.83 -20.30
C PHE A 140 -10.92 13.17 -19.15
N VAL A 141 -10.76 13.69 -17.93
CA VAL A 141 -11.49 13.12 -16.80
C VAL A 141 -12.99 13.32 -16.96
N GLU A 142 -13.40 14.49 -17.46
CA GLU A 142 -14.82 14.76 -17.64
C GLU A 142 -15.40 13.98 -18.81
N GLU A 143 -14.67 13.90 -19.92
CA GLU A 143 -15.22 13.25 -21.12
C GLU A 143 -15.34 11.75 -20.94
N HIS A 144 -14.33 11.11 -20.34
CA HIS A 144 -14.35 9.66 -20.16
C HIS A 144 -14.88 9.23 -18.81
N GLY A 145 -15.25 10.17 -17.94
CA GLY A 145 -15.75 9.81 -16.63
C GLY A 145 -14.74 9.07 -15.79
N VAL A 146 -13.48 9.54 -15.77
CA VAL A 146 -12.46 8.89 -14.96
C VAL A 146 -12.82 9.00 -13.49
N GLU A 147 -12.66 7.89 -12.78
CA GLU A 147 -13.11 7.78 -11.40
C GLU A 147 -11.98 7.79 -10.38
N ILE A 148 -10.79 7.34 -10.76
CA ILE A 148 -9.64 7.29 -9.85
C ILE A 148 -8.45 7.93 -10.54
N GLY A 149 -7.76 8.80 -9.83
CA GLY A 149 -6.57 9.46 -10.35
C GLY A 149 -5.34 9.10 -9.54
N VAL A 150 -4.25 8.79 -10.23
CA VAL A 150 -2.99 8.42 -9.60
C VAL A 150 -2.04 9.61 -9.69
N ILE A 151 -1.54 10.06 -8.56
CA ILE A 151 -0.63 11.19 -8.50
C ILE A 151 0.79 10.65 -8.40
N ALA A 152 1.55 10.79 -9.49
CA ALA A 152 2.96 10.41 -9.54
C ALA A 152 3.84 11.60 -9.88
N VAL A 153 3.42 12.80 -9.48
CA VAL A 153 4.19 14.03 -9.71
C VAL A 153 5.01 14.32 -8.46
N PRO A 154 6.05 15.14 -8.56
CA PRO A 154 6.82 15.52 -7.36
C PRO A 154 5.94 16.23 -6.34
N ALA A 155 6.47 16.34 -5.12
CA ALA A 155 5.70 16.89 -4.02
C ALA A 155 5.28 18.33 -4.26
N GLU A 156 6.01 19.05 -5.12
CA GLU A 156 5.76 20.47 -5.30
C GLU A 156 4.45 20.73 -6.03
N HIS A 157 4.13 19.89 -7.02
CA HIS A 157 2.92 20.06 -7.82
C HIS A 157 1.82 19.09 -7.44
N ALA A 158 1.92 18.43 -6.28
CA ALA A 158 1.00 17.36 -5.95
C ALA A 158 -0.36 17.88 -5.49
N GLN A 159 -0.37 18.82 -4.55
CA GLN A 159 -1.64 19.35 -4.05
C GLN A 159 -2.44 20.02 -5.17
N GLU A 160 -1.76 20.66 -6.12
CA GLU A 160 -2.46 21.28 -7.24
C GLU A 160 -3.11 20.23 -8.13
N ILE A 161 -2.42 19.12 -8.38
CA ILE A 161 -2.99 18.06 -9.20
C ILE A 161 -4.24 17.49 -8.54
N ALA A 162 -4.21 17.32 -7.22
CA ALA A 162 -5.37 16.82 -6.51
C ALA A 162 -6.53 17.80 -6.55
N GLU A 163 -6.24 19.10 -6.60
CA GLU A 163 -7.31 20.09 -6.71
C GLU A 163 -7.94 20.07 -8.10
N ARG A 164 -7.14 19.83 -9.14
CA ARG A 164 -7.68 19.76 -10.49
C ARG A 164 -8.57 18.53 -10.66
N LEU A 165 -8.13 17.39 -10.14
CA LEU A 165 -8.95 16.18 -10.23
C LEU A 165 -10.28 16.33 -9.51
N GLU A 166 -10.30 17.06 -8.40
CA GLU A 166 -11.54 17.29 -7.67
C GLU A 166 -12.50 18.16 -8.48
N LYS A 167 -11.98 19.22 -9.11
CA LYS A 167 -12.83 20.06 -9.94
C LYS A 167 -13.28 19.33 -11.21
N ALA A 168 -12.44 18.44 -11.74
CA ALA A 168 -12.81 17.65 -12.91
C ALA A 168 -13.85 16.58 -12.60
N GLY A 169 -14.08 16.27 -11.33
CA GLY A 169 -15.07 15.29 -10.95
C GLY A 169 -14.55 13.90 -10.66
N ILE A 170 -13.28 13.77 -10.25
CA ILE A 170 -12.77 12.46 -9.88
C ILE A 170 -13.49 11.95 -8.63
N LYS A 171 -13.53 10.63 -8.49
CA LYS A 171 -14.15 10.00 -7.34
C LYS A 171 -13.15 9.53 -6.29
N GLY A 172 -11.87 9.43 -6.64
CA GLY A 172 -10.86 9.00 -5.69
C GLY A 172 -9.48 9.32 -6.20
N ILE A 173 -8.51 9.28 -5.29
CA ILE A 173 -7.14 9.67 -5.58
C ILE A 173 -6.19 8.67 -4.92
N LEU A 174 -5.25 8.15 -5.71
CA LEU A 174 -4.14 7.34 -5.21
C LEU A 174 -2.88 8.20 -5.32
N ASN A 175 -2.31 8.58 -4.17
CA ASN A 175 -1.21 9.52 -4.13
C ASN A 175 0.08 8.83 -3.75
N PHE A 176 1.13 9.07 -4.54
CA PHE A 176 2.49 8.66 -4.19
C PHE A 176 3.31 9.77 -3.57
N ALA A 177 2.96 11.03 -3.84
CA ALA A 177 3.81 12.13 -3.43
C ALA A 177 3.83 12.28 -1.92
N PRO A 178 5.00 12.66 -1.32
CA PRO A 178 5.12 12.77 0.14
C PRO A 178 4.63 14.11 0.68
N VAL A 179 3.34 14.38 0.48
CA VAL A 179 2.70 15.59 0.98
C VAL A 179 1.33 15.24 1.53
N LYS A 180 0.82 16.14 2.38
CA LYS A 180 -0.52 16.00 2.94
C LYS A 180 -1.52 16.56 1.93
N ILE A 181 -2.22 15.67 1.24
CA ILE A 181 -3.22 16.09 0.26
C ILE A 181 -4.44 16.63 0.99
N LYS A 182 -4.85 17.85 0.66
CA LYS A 182 -5.96 18.54 1.32
C LYS A 182 -7.09 18.71 0.29
N VAL A 183 -7.89 17.66 0.14
CA VAL A 183 -8.97 17.61 -0.83
C VAL A 183 -10.15 16.88 -0.18
N SER A 184 -11.37 17.22 -0.62
CA SER A 184 -12.57 16.60 -0.06
C SER A 184 -12.79 15.19 -0.57
N VAL A 185 -12.30 14.88 -1.76
CA VAL A 185 -12.44 13.54 -2.33
C VAL A 185 -11.59 12.59 -1.50
N PRO A 186 -11.97 11.33 -1.35
CA PRO A 186 -11.13 10.39 -0.59
C PRO A 186 -9.77 10.21 -1.26
N VAL A 187 -8.73 10.16 -0.43
CA VAL A 187 -7.36 10.03 -0.87
C VAL A 187 -6.74 8.82 -0.19
N GLU A 188 -6.03 8.00 -0.96
CA GLU A 188 -5.26 6.88 -0.44
C GLU A 188 -3.80 7.12 -0.76
N ASN A 189 -2.97 7.18 0.28
CA ASN A 189 -1.55 7.47 0.12
C ASN A 189 -0.73 6.19 0.19
N ILE A 190 0.29 6.11 -0.66
CA ILE A 190 1.24 5.00 -0.65
C ILE A 190 2.54 5.51 -0.05
N ASP A 191 3.11 4.76 0.89
CA ASP A 191 4.31 5.19 1.60
C ASP A 191 5.10 3.95 1.96
N ILE A 192 6.18 3.68 1.21
CA ILE A 192 7.00 2.51 1.47
C ILE A 192 7.83 2.66 2.73
N THR A 193 8.09 3.90 3.18
CA THR A 193 8.76 4.09 4.46
C THR A 193 7.93 3.51 5.59
N ALA A 194 6.60 3.58 5.49
CA ALA A 194 5.75 2.90 6.46
C ALA A 194 5.93 1.39 6.38
N SER A 195 6.02 0.85 5.16
CA SER A 195 6.28 -0.58 5.00
C SER A 195 7.66 -0.94 5.53
N LEU A 196 8.64 -0.06 5.36
CA LEU A 196 9.96 -0.30 5.92
C LEU A 196 9.93 -0.28 7.44
N ARG A 197 9.15 0.65 8.03
CA ARG A 197 9.04 0.70 9.48
C ARG A 197 8.43 -0.57 10.03
N VAL A 198 7.42 -1.11 9.35
CA VAL A 198 6.87 -2.42 9.72
C VAL A 198 7.96 -3.49 9.61
N LEU A 199 8.76 -3.43 8.54
CA LEU A 199 9.79 -4.44 8.33
C LEU A 199 10.86 -4.37 9.40
N THR A 200 11.38 -3.16 9.67
CA THR A 200 12.47 -3.03 10.64
C THR A 200 12.02 -3.40 12.05
N PHE A 201 10.78 -3.06 12.40
CA PHE A 201 10.28 -3.41 13.73
C PHE A 201 10.28 -4.93 13.92
N GLU A 202 9.84 -5.68 12.90
CA GLU A 202 9.86 -7.13 12.98
C GLU A 202 11.29 -7.66 13.00
N ILE A 203 12.21 -7.00 12.29
CA ILE A 203 13.61 -7.42 12.31
C ILE A 203 14.19 -7.30 13.72
N VAL A 204 13.95 -6.16 14.36
CA VAL A 204 14.54 -5.91 15.68
C VAL A 204 13.94 -6.86 16.72
N ARG A 205 12.63 -7.12 16.63
CA ARG A 205 12.01 -8.02 17.60
C ARG A 205 12.58 -9.42 17.53
N ARG A 206 12.87 -9.89 16.31
CA ARG A 206 13.48 -11.21 16.17
C ARG A 206 14.89 -11.26 16.75
N ASN A 207 15.61 -10.13 16.69
CA ASN A 207 16.96 -10.11 17.25
C ASN A 207 16.93 -10.18 18.77
N SER A 208 15.91 -9.60 19.40
CA SER A 208 15.78 -9.63 20.85
C SER A 208 15.30 -11.00 21.33
N PRO B 6 2.41 -10.22 16.25
CA PRO B 6 2.34 -10.67 14.87
C PRO B 6 2.41 -9.50 13.90
N LYS B 7 1.94 -9.72 12.67
CA LYS B 7 1.93 -8.71 11.63
C LYS B 7 0.91 -7.59 11.88
N PRO B 8 -0.32 -7.89 12.32
CA PRO B 8 -1.28 -6.79 12.52
C PRO B 8 -0.87 -5.78 13.59
N VAL B 9 -0.32 -6.25 14.71
CA VAL B 9 0.03 -5.32 15.79
C VAL B 9 1.17 -4.40 15.37
N SER B 10 2.09 -4.89 14.53
CA SER B 10 3.14 -4.02 14.01
C SER B 10 2.57 -2.99 13.05
N LYS B 11 1.59 -3.39 12.23
CA LYS B 11 0.97 -2.45 11.30
C LYS B 11 0.19 -1.37 12.03
N ARG B 12 -0.53 -1.76 13.10
CA ARG B 12 -1.24 -0.77 13.89
C ARG B 12 -0.28 0.22 14.55
N LEU B 13 0.81 -0.30 15.12
CA LEU B 13 1.79 0.57 15.78
C LEU B 13 2.37 1.57 14.79
N VAL B 14 2.67 1.13 13.57
CA VAL B 14 3.13 2.05 12.54
C VAL B 14 1.99 2.97 12.10
N SER B 15 0.77 2.44 12.04
CA SER B 15 -0.38 3.29 11.74
C SER B 15 -0.54 4.39 12.78
N TYR B 16 -0.44 4.04 14.07
CA TYR B 16 -0.48 5.03 15.13
C TYR B 16 0.61 6.08 14.93
N TYR B 17 1.83 5.61 14.65
CA TYR B 17 2.96 6.53 14.50
C TYR B 17 2.73 7.50 13.35
N MET B 18 2.33 6.98 12.18
CA MET B 18 2.08 7.84 11.03
C MET B 18 0.93 8.80 11.30
N CYS B 19 -0.11 8.33 11.99
CA CYS B 19 -1.26 9.18 12.28
C CYS B 19 -0.90 10.27 13.27
N LEU B 20 -0.14 9.93 14.31
CA LEU B 20 0.26 10.93 15.30
C LEU B 20 1.20 11.97 14.70
N GLU B 21 2.13 11.54 13.83
CA GLU B 21 2.96 12.48 13.12
C GLU B 21 2.11 13.42 12.27
N ARG B 22 1.09 12.88 11.60
CA ARG B 22 0.19 13.71 10.80
C ARG B 22 -0.64 14.63 11.69
N LEU B 23 -0.96 14.19 12.91
CA LEU B 23 -1.70 15.04 13.85
C LEU B 23 -0.83 16.18 14.35
N LEU B 24 0.45 15.92 14.58
CA LEU B 24 1.34 16.97 15.05
C LEU B 24 1.53 18.07 14.02
N ASP B 25 1.51 17.71 12.73
CA ASP B 25 1.66 18.72 11.69
C ASP B 25 0.45 19.64 11.60
N GLU B 26 -0.71 19.18 12.05
CA GLU B 26 -1.92 19.99 12.10
C GLU B 26 -2.01 20.85 13.36
N GLY B 27 -1.02 20.76 14.25
CA GLY B 27 -1.05 21.50 15.49
C GLY B 27 -1.89 20.89 16.59
N VAL B 28 -2.37 19.67 16.41
CA VAL B 28 -3.21 19.02 17.40
C VAL B 28 -2.34 18.44 18.50
N GLU B 29 -2.71 18.72 19.76
CA GLU B 29 -1.99 18.21 20.92
C GLU B 29 -2.75 17.14 21.67
N VAL B 30 -4.08 17.14 21.61
CA VAL B 30 -4.92 16.16 22.28
C VAL B 30 -5.83 15.52 21.24
N VAL B 31 -5.85 14.20 21.20
CA VAL B 31 -6.71 13.46 20.28
C VAL B 31 -7.49 12.42 21.07
N SER B 32 -8.72 12.18 20.64
CA SER B 32 -9.57 11.19 21.27
C SER B 32 -9.46 9.85 20.55
N SER B 33 -9.92 8.80 21.23
CA SER B 33 -9.95 7.49 20.59
C SER B 33 -10.92 7.45 19.44
N GLU B 34 -12.00 8.23 19.51
CA GLU B 34 -12.97 8.27 18.42
C GLU B 34 -12.37 8.92 17.19
N GLU B 35 -11.62 10.02 17.36
CA GLU B 35 -11.00 10.68 16.21
C GLU B 35 -9.94 9.78 15.58
N LEU B 36 -9.12 9.11 16.40
CA LEU B 36 -8.17 8.14 15.87
C LEU B 36 -8.89 6.98 15.20
N ALA B 37 -10.11 6.66 15.65
CA ALA B 37 -10.89 5.59 15.03
C ALA B 37 -11.28 5.96 13.60
N ARG B 38 -11.69 7.22 13.38
CA ARG B 38 -12.10 7.64 12.06
C ARG B 38 -10.93 7.76 11.10
N ARG B 39 -9.75 8.14 11.61
CA ARG B 39 -8.60 8.33 10.73
C ARG B 39 -7.96 7.01 10.33
N LEU B 40 -8.01 6.01 11.20
CA LEU B 40 -7.35 4.72 10.96
C LEU B 40 -8.32 3.63 10.55
N ASP B 41 -9.61 3.95 10.45
CA ASP B 41 -10.68 2.97 10.18
C ASP B 41 -10.54 1.75 11.09
N LEU B 42 -10.80 2.00 12.37
CA LEU B 42 -10.61 1.03 13.42
C LEU B 42 -11.60 1.31 14.54
N LYS B 43 -11.88 0.29 15.33
CA LYS B 43 -12.77 0.44 16.48
C LYS B 43 -12.12 1.31 17.55
N ALA B 44 -12.92 2.16 18.18
CA ALA B 44 -12.40 3.04 19.23
C ALA B 44 -11.97 2.25 20.45
N SER B 45 -12.71 1.20 20.80
CA SER B 45 -12.34 0.39 21.95
C SER B 45 -11.02 -0.33 21.73
N GLN B 46 -10.73 -0.72 20.48
CA GLN B 46 -9.44 -1.33 20.17
C GLN B 46 -8.31 -0.34 20.34
N ILE B 47 -8.56 0.94 20.05
CA ILE B 47 -7.54 1.97 20.21
C ILE B 47 -7.26 2.21 21.69
N ARG B 48 -8.30 2.25 22.52
CA ARG B 48 -8.11 2.41 23.95
C ARG B 48 -7.40 1.20 24.56
N LYS B 49 -7.63 0.01 24.00
CA LYS B 49 -6.95 -1.17 24.49
C LYS B 49 -5.46 -1.14 24.16
N ASP B 50 -5.12 -0.69 22.95
CA ASP B 50 -3.72 -0.61 22.55
C ASP B 50 -2.98 0.45 23.36
N LEU B 51 -3.56 1.66 23.45
CA LEU B 51 -2.86 2.79 24.03
C LEU B 51 -2.82 2.75 25.56
N SER B 52 -3.59 1.87 26.21
CA SER B 52 -3.47 1.69 27.65
C SER B 52 -2.09 1.20 28.04
N TYR B 53 -1.31 0.70 27.09
CA TYR B 53 0.07 0.29 27.35
C TYR B 53 0.90 1.42 27.91
N PHE B 54 0.63 2.66 27.49
CA PHE B 54 1.40 3.82 27.91
C PHE B 54 0.88 4.48 29.18
N GLY B 55 -0.26 4.01 29.71
CA GLY B 55 -0.76 4.51 30.97
C GLY B 55 -1.13 5.99 30.92
N GLU B 56 -1.04 6.63 32.09
CA GLU B 56 -1.35 8.06 32.18
C GLU B 56 -0.38 8.90 31.37
N PHE B 57 0.85 8.41 31.15
CA PHE B 57 1.83 9.15 30.37
C PHE B 57 1.34 9.42 28.96
N GLY B 58 0.50 8.54 28.41
CA GLY B 58 -0.06 8.73 27.10
C GLY B 58 -1.33 9.54 27.04
N LYS B 59 -1.80 10.07 28.17
CA LYS B 59 -3.05 10.79 28.25
C LYS B 59 -2.80 12.28 28.47
N ARG B 60 -3.75 13.10 28.02
CA ARG B 60 -3.70 14.53 28.27
C ARG B 60 -5.12 15.07 28.13
N GLY B 61 -5.56 15.82 29.13
CA GLY B 61 -6.94 16.31 29.12
C GLY B 61 -7.90 15.13 29.18
N VAL B 62 -8.83 15.09 28.23
CA VAL B 62 -9.77 13.98 28.13
C VAL B 62 -9.39 13.02 27.00
N GLY B 63 -8.34 13.31 26.26
CA GLY B 63 -7.91 12.44 25.18
C GLY B 63 -6.49 11.93 25.37
N TYR B 64 -5.77 11.76 24.27
CA TYR B 64 -4.42 11.22 24.30
C TYR B 64 -3.40 12.31 23.97
N ASN B 65 -2.28 12.30 24.69
CA ASN B 65 -1.19 13.23 24.45
C ASN B 65 -0.49 12.83 23.16
N VAL B 66 -0.74 13.60 22.09
CA VAL B 66 -0.18 13.27 20.79
C VAL B 66 1.35 13.28 20.84
N GLU B 67 1.92 14.28 21.51
CA GLU B 67 3.38 14.41 21.54
C GLU B 67 4.01 13.26 22.31
N HIS B 68 3.44 12.87 23.46
CA HIS B 68 4.01 11.78 24.25
C HIS B 68 3.93 10.47 23.50
N LEU B 69 2.79 10.18 22.88
CA LEU B 69 2.65 8.91 22.15
C LEU B 69 3.56 8.86 20.94
N TYR B 70 3.63 9.96 20.18
CA TYR B 70 4.51 9.99 19.01
C TYR B 70 5.97 9.78 19.41
N ASP B 71 6.38 10.33 20.55
CA ASP B 71 7.77 10.18 20.99
C ASP B 71 8.04 8.77 21.50
N ALA B 72 7.12 8.23 22.31
CA ALA B 72 7.33 6.91 22.89
C ALA B 72 7.26 5.82 21.82
N ILE B 73 6.27 5.90 20.92
CA ILE B 73 6.15 4.90 19.86
C ILE B 73 7.37 4.97 18.94
N GLY B 74 7.85 6.18 18.66
CA GLY B 74 9.03 6.31 17.83
C GLY B 74 10.25 5.64 18.42
N GLU B 75 10.39 5.70 19.74
CA GLU B 75 11.49 5.00 20.41
C GLU B 75 11.25 3.48 20.43
N ILE B 76 9.99 3.05 20.53
CA ILE B 76 9.70 1.63 20.41
C ILE B 76 10.01 1.14 19.00
N LEU B 77 9.63 1.94 17.99
CA LEU B 77 9.92 1.58 16.60
C LEU B 77 11.37 1.77 16.22
N GLY B 78 12.18 2.42 17.07
CA GLY B 78 13.59 2.61 16.79
C GLY B 78 13.86 3.48 15.58
N VAL B 79 13.17 4.63 15.49
CA VAL B 79 13.32 5.50 14.34
C VAL B 79 14.68 6.19 14.31
N LYS B 80 15.43 6.17 15.42
CA LYS B 80 16.75 6.80 15.44
C LYS B 80 17.79 5.96 14.70
N LYS B 81 17.58 4.65 14.62
CA LYS B 81 18.55 3.79 13.98
C LYS B 81 18.55 3.99 12.46
N GLU B 82 19.72 3.79 11.85
CA GLU B 82 19.86 3.82 10.40
C GLU B 82 19.92 2.40 9.87
N TRP B 83 19.53 2.23 8.60
CA TRP B 83 19.44 0.93 7.97
C TRP B 83 20.12 0.97 6.61
N LYS B 84 20.92 -0.07 6.33
CA LYS B 84 21.59 -0.20 5.05
C LYS B 84 20.74 -1.04 4.11
N LEU B 85 20.46 -0.51 2.93
CA LEU B 85 19.57 -1.14 1.97
C LEU B 85 20.27 -1.35 0.63
N VAL B 86 19.87 -2.41 -0.06
CA VAL B 86 20.21 -2.64 -1.46
C VAL B 86 18.92 -2.81 -2.24
N VAL B 87 18.96 -2.47 -3.51
CA VAL B 87 17.81 -2.59 -4.40
C VAL B 87 18.20 -3.48 -5.57
N VAL B 88 17.50 -4.60 -5.74
CA VAL B 88 17.72 -5.50 -6.85
C VAL B 88 16.69 -5.17 -7.92
N GLY B 89 17.15 -4.71 -9.08
CA GLY B 89 16.26 -4.28 -10.14
C GLY B 89 16.30 -2.79 -10.34
N ALA B 90 16.93 -2.33 -11.42
CA ALA B 90 17.13 -0.92 -11.70
C ALA B 90 16.13 -0.38 -12.71
N GLY B 91 14.91 -0.93 -12.74
CA GLY B 91 13.88 -0.47 -13.65
C GLY B 91 13.16 0.76 -13.13
N ASN B 92 11.86 0.84 -13.45
CA ASN B 92 11.07 1.99 -13.03
C ASN B 92 10.95 2.06 -11.51
N ILE B 93 10.62 0.94 -10.87
CA ILE B 93 10.49 0.92 -9.42
C ILE B 93 11.84 1.16 -8.76
N GLY B 94 12.88 0.47 -9.23
CA GLY B 94 14.18 0.60 -8.61
C GLY B 94 14.75 1.99 -8.68
N ARG B 95 14.52 2.69 -9.80
CA ARG B 95 14.98 4.06 -9.93
C ARG B 95 14.20 4.98 -9.00
N ALA B 96 12.89 4.76 -8.88
CA ALA B 96 12.07 5.58 -8.00
C ALA B 96 12.49 5.43 -6.54
N VAL B 97 12.82 4.21 -6.13
CA VAL B 97 13.24 3.98 -4.75
C VAL B 97 14.57 4.66 -4.47
N ALA B 98 15.52 4.57 -5.40
CA ALA B 98 16.82 5.19 -5.19
C ALA B 98 16.73 6.71 -5.21
N ASN B 99 15.74 7.27 -5.89
CA ASN B 99 15.53 8.71 -5.95
C ASN B 99 14.55 9.22 -4.91
N TYR B 100 14.02 8.34 -4.06
CA TYR B 100 13.06 8.74 -3.04
C TYR B 100 13.78 9.51 -1.94
N THR B 101 13.60 10.83 -1.92
CA THR B 101 14.31 11.66 -0.96
C THR B 101 13.88 11.37 0.48
N VAL B 102 12.63 10.98 0.67
CA VAL B 102 12.11 10.77 2.03
C VAL B 102 12.78 9.60 2.72
N MET B 103 13.12 8.55 1.95
CA MET B 103 13.72 7.36 2.55
C MET B 103 15.06 7.68 3.22
N LYS B 104 15.90 8.46 2.55
CA LYS B 104 17.19 8.79 3.13
C LYS B 104 17.05 9.61 4.40
N GLU B 105 16.02 10.47 4.48
CA GLU B 105 15.81 11.27 5.67
C GLU B 105 15.43 10.43 6.87
N LYS B 106 14.67 9.35 6.66
CA LYS B 106 14.17 8.53 7.75
C LYS B 106 15.16 7.45 8.19
N GLY B 107 16.35 7.41 7.62
CA GLY B 107 17.37 6.48 8.03
C GLY B 107 17.51 5.24 7.20
N PHE B 108 16.88 5.18 6.03
CA PHE B 108 16.96 4.02 5.13
C PHE B 108 17.93 4.38 4.01
N ARG B 109 19.16 3.91 4.14
CA ARG B 109 20.26 4.30 3.27
C ARG B 109 20.48 3.24 2.20
N ILE B 110 20.25 3.61 0.94
CA ILE B 110 20.51 2.72 -0.18
C ILE B 110 21.95 2.90 -0.61
N ILE B 111 22.80 1.92 -0.30
CA ILE B 111 24.21 1.98 -0.63
C ILE B 111 24.54 1.22 -1.91
N GLY B 112 23.56 0.52 -2.48
CA GLY B 112 23.82 -0.23 -3.70
C GLY B 112 22.55 -0.61 -4.45
N ILE B 113 22.63 -0.63 -5.77
CA ILE B 113 21.52 -1.05 -6.62
C ILE B 113 22.08 -1.99 -7.69
N PHE B 114 21.30 -3.00 -8.04
CA PHE B 114 21.79 -4.08 -8.89
C PHE B 114 20.81 -4.35 -10.02
N ASP B 115 21.33 -4.96 -11.08
CA ASP B 115 20.53 -5.32 -12.25
C ASP B 115 21.27 -6.40 -13.01
N SER B 116 20.54 -7.06 -13.91
CA SER B 116 21.10 -8.12 -14.75
C SER B 116 21.22 -7.71 -16.21
N ASP B 117 20.81 -6.49 -16.57
CA ASP B 117 20.85 -6.03 -17.94
C ASP B 117 22.11 -5.23 -18.18
N PRO B 118 22.97 -5.61 -19.13
CA PRO B 118 24.24 -4.90 -19.31
C PRO B 118 24.09 -3.44 -19.68
N SER B 119 22.99 -3.07 -20.35
CA SER B 119 22.79 -1.68 -20.73
C SER B 119 22.60 -0.78 -19.51
N LYS B 120 22.09 -1.32 -18.41
CA LYS B 120 21.87 -0.55 -17.21
C LYS B 120 23.06 -0.58 -16.25
N ILE B 121 23.84 -1.67 -16.28
CA ILE B 121 24.99 -1.77 -15.39
C ILE B 121 26.01 -0.70 -15.75
N GLY B 122 26.64 -0.12 -14.73
CA GLY B 122 27.62 0.93 -14.91
C GLY B 122 27.04 2.33 -14.92
N LYS B 123 25.79 2.48 -15.35
CA LYS B 123 25.14 3.78 -15.33
C LYS B 123 24.74 4.16 -13.90
N GLU B 124 24.25 5.38 -13.75
CA GLU B 124 23.87 5.92 -12.45
C GLU B 124 22.37 5.84 -12.28
N ALA B 125 21.92 5.08 -11.28
CA ALA B 125 20.51 5.05 -10.93
C ALA B 125 20.10 6.30 -10.17
N ALA B 126 21.02 6.89 -9.43
CA ALA B 126 20.76 8.09 -8.63
C ALA B 126 22.09 8.77 -8.37
N PRO B 127 22.08 10.04 -7.95
CA PRO B 127 23.34 10.70 -7.57
C PRO B 127 24.04 9.94 -6.45
N GLY B 128 25.28 9.52 -6.73
CA GLY B 128 26.08 8.78 -5.78
C GLY B 128 25.90 7.29 -5.80
N LEU B 129 24.98 6.76 -6.61
CA LEU B 129 24.72 5.33 -6.68
C LEU B 129 24.75 4.91 -8.14
N THR B 130 25.63 3.97 -8.47
CA THR B 130 25.72 3.42 -9.81
C THR B 130 25.23 1.98 -9.81
N VAL B 131 24.62 1.57 -10.92
CA VAL B 131 24.06 0.23 -11.03
C VAL B 131 25.19 -0.79 -11.15
N SER B 132 25.15 -1.79 -10.28
CA SER B 132 26.16 -2.84 -10.27
C SER B 132 25.58 -4.13 -10.83
N ASP B 133 26.47 -5.02 -11.26
CA ASP B 133 26.06 -6.31 -11.77
C ASP B 133 25.43 -7.15 -10.67
N VAL B 134 24.35 -7.86 -11.01
CA VAL B 134 23.63 -8.65 -10.02
C VAL B 134 24.46 -9.84 -9.55
N SER B 135 25.49 -10.23 -10.30
CA SER B 135 26.34 -11.34 -9.87
C SER B 135 27.13 -11.01 -8.61
N GLU B 136 27.36 -9.73 -8.35
CA GLU B 136 28.08 -9.29 -7.16
C GLU B 136 27.17 -8.98 -5.99
N LEU B 137 25.88 -9.31 -6.09
CA LEU B 137 24.93 -8.95 -5.05
C LEU B 137 25.22 -9.68 -3.74
N GLU B 138 25.52 -10.98 -3.83
CA GLU B 138 25.71 -11.77 -2.62
C GLU B 138 26.96 -11.35 -1.86
N LYS B 139 28.06 -11.10 -2.58
CA LYS B 139 29.27 -10.61 -1.92
C LYS B 139 29.08 -9.20 -1.39
N PHE B 140 28.33 -8.36 -2.12
CA PHE B 140 28.10 -6.99 -1.69
C PHE B 140 27.31 -6.94 -0.39
N VAL B 141 26.29 -7.79 -0.26
CA VAL B 141 25.47 -7.81 0.95
C VAL B 141 26.31 -8.21 2.15
N GLU B 142 27.12 -9.26 2.01
CA GLU B 142 27.92 -9.73 3.12
C GLU B 142 29.06 -8.79 3.46
N GLU B 143 29.62 -8.10 2.45
CA GLU B 143 30.76 -7.23 2.70
C GLU B 143 30.36 -5.95 3.41
N HIS B 144 29.17 -5.41 3.11
CA HIS B 144 28.71 -4.17 3.72
C HIS B 144 27.73 -4.40 4.86
N GLY B 145 27.48 -5.65 5.23
CA GLY B 145 26.54 -5.94 6.30
C GLY B 145 25.14 -5.42 6.02
N VAL B 146 24.65 -5.61 4.79
CA VAL B 146 23.35 -5.07 4.42
C VAL B 146 22.25 -5.76 5.21
N GLU B 147 21.31 -4.96 5.72
CA GLU B 147 20.21 -5.46 6.52
C GLU B 147 18.94 -5.69 5.72
N ILE B 148 18.64 -4.82 4.76
CA ILE B 148 17.37 -4.86 4.03
C ILE B 148 17.65 -4.85 2.54
N GLY B 149 16.95 -5.71 1.82
CA GLY B 149 17.00 -5.73 0.36
C GLY B 149 15.63 -5.43 -0.21
N VAL B 150 15.60 -4.67 -1.30
CA VAL B 150 14.37 -4.29 -1.98
C VAL B 150 14.34 -5.01 -3.32
N ILE B 151 13.28 -5.79 -3.55
CA ILE B 151 13.15 -6.59 -4.76
C ILE B 151 12.28 -5.82 -5.73
N ALA B 152 12.90 -5.34 -6.81
CA ALA B 152 12.22 -4.59 -7.86
C ALA B 152 12.46 -5.24 -9.22
N VAL B 153 12.51 -6.57 -9.25
CA VAL B 153 12.68 -7.34 -10.48
C VAL B 153 11.32 -7.87 -10.90
N PRO B 154 11.15 -8.33 -12.14
CA PRO B 154 9.88 -8.93 -12.54
C PRO B 154 9.52 -10.13 -11.67
N ALA B 155 8.27 -10.58 -11.83
CA ALA B 155 7.72 -11.59 -10.93
C ALA B 155 8.51 -12.89 -10.96
N GLU B 156 8.82 -13.38 -12.16
CA GLU B 156 9.41 -14.72 -12.29
C GLU B 156 10.84 -14.82 -11.76
N HIS B 157 11.47 -13.70 -11.38
CA HIS B 157 12.78 -13.74 -10.78
C HIS B 157 12.78 -13.29 -9.33
N ALA B 158 11.59 -13.08 -8.74
CA ALA B 158 11.51 -12.56 -7.38
C ALA B 158 11.99 -13.60 -6.37
N GLN B 159 11.50 -14.84 -6.49
CA GLN B 159 11.86 -15.87 -5.52
C GLN B 159 13.35 -16.15 -5.53
N GLU B 160 13.96 -16.20 -6.72
CA GLU B 160 15.40 -16.47 -6.81
C GLU B 160 16.20 -15.37 -6.14
N ILE B 161 15.86 -14.11 -6.43
CA ILE B 161 16.56 -12.98 -5.81
C ILE B 161 16.39 -13.01 -4.30
N ALA B 162 15.18 -13.30 -3.84
CA ALA B 162 14.93 -13.36 -2.40
C ALA B 162 15.77 -14.43 -1.73
N GLU B 163 15.95 -15.58 -2.40
CA GLU B 163 16.75 -16.64 -1.81
C GLU B 163 18.24 -16.30 -1.78
N ARG B 164 18.73 -15.58 -2.77
CA ARG B 164 20.13 -15.16 -2.75
C ARG B 164 20.37 -14.12 -1.67
N LEU B 165 19.37 -13.26 -1.41
CA LEU B 165 19.48 -12.33 -0.30
C LEU B 165 19.50 -13.07 1.03
N GLU B 166 18.66 -14.10 1.17
CA GLU B 166 18.63 -14.88 2.40
C GLU B 166 19.97 -15.58 2.64
N LYS B 167 20.55 -16.16 1.59
CA LYS B 167 21.84 -16.83 1.73
C LYS B 167 22.94 -15.85 2.09
N ALA B 168 22.87 -14.63 1.55
CA ALA B 168 23.90 -13.63 1.76
C ALA B 168 23.82 -12.97 3.14
N GLY B 169 22.80 -13.28 3.92
CA GLY B 169 22.67 -12.75 5.27
C GLY B 169 21.77 -11.54 5.42
N ILE B 170 20.81 -11.34 4.51
CA ILE B 170 19.89 -10.23 4.66
C ILE B 170 19.02 -10.47 5.90
N LYS B 171 18.48 -9.36 6.43
CA LYS B 171 17.63 -9.43 7.61
C LYS B 171 16.15 -9.20 7.31
N GLY B 172 15.83 -8.57 6.19
CA GLY B 172 14.45 -8.36 5.81
C GLY B 172 14.36 -7.96 4.36
N ILE B 173 13.21 -8.20 3.76
CA ILE B 173 12.98 -7.96 2.35
C ILE B 173 11.76 -7.08 2.16
N LEU B 174 11.90 -6.03 1.36
CA LEU B 174 10.78 -5.24 0.86
C LEU B 174 10.51 -5.65 -0.58
N ASN B 175 9.35 -6.23 -0.83
CA ASN B 175 9.06 -6.89 -2.11
C ASN B 175 8.01 -6.09 -2.87
N PHE B 176 8.34 -5.70 -4.10
CA PHE B 176 7.38 -5.09 -5.02
C PHE B 176 6.76 -6.12 -5.96
N ALA B 177 7.47 -7.20 -6.25
CA ALA B 177 7.02 -8.13 -7.28
C ALA B 177 5.76 -8.87 -6.82
N PRO B 178 4.81 -9.11 -7.74
CA PRO B 178 3.55 -9.77 -7.38
C PRO B 178 3.69 -11.29 -7.23
N VAL B 179 4.56 -11.70 -6.30
CA VAL B 179 4.75 -13.10 -5.96
C VAL B 179 4.78 -13.21 -4.44
N LYS B 180 4.37 -14.37 -3.93
CA LYS B 180 4.46 -14.65 -2.50
C LYS B 180 5.87 -15.15 -2.21
N ILE B 181 6.72 -14.25 -1.71
CA ILE B 181 8.09 -14.60 -1.37
C ILE B 181 8.09 -15.52 -0.16
N LYS B 182 8.82 -16.63 -0.27
CA LYS B 182 8.91 -17.63 0.80
C LYS B 182 10.35 -17.68 1.29
N VAL B 183 10.63 -17.02 2.41
CA VAL B 183 11.95 -17.01 3.03
C VAL B 183 11.77 -17.05 4.54
N SER B 184 12.89 -17.16 5.25
CA SER B 184 12.89 -17.20 6.70
C SER B 184 13.18 -15.84 7.33
N VAL B 185 13.32 -14.79 6.53
CA VAL B 185 13.42 -13.42 7.04
C VAL B 185 12.07 -12.76 6.84
N PRO B 186 11.72 -11.74 7.63
CA PRO B 186 10.43 -11.07 7.42
C PRO B 186 10.37 -10.38 6.07
N VAL B 187 9.16 -10.29 5.53
CA VAL B 187 8.91 -9.72 4.22
C VAL B 187 7.73 -8.76 4.31
N GLU B 188 7.88 -7.57 3.74
CA GLU B 188 6.79 -6.62 3.57
C GLU B 188 6.55 -6.44 2.08
N ASN B 189 5.35 -6.80 1.63
CA ASN B 189 4.99 -6.67 0.22
C ASN B 189 4.31 -5.33 -0.02
N ILE B 190 4.69 -4.69 -1.12
CA ILE B 190 4.03 -3.48 -1.60
C ILE B 190 3.04 -3.90 -2.67
N ASP B 191 1.77 -3.53 -2.51
CA ASP B 191 0.73 -3.87 -3.47
C ASP B 191 -0.19 -2.66 -3.62
N ILE B 192 0.08 -1.83 -4.62
CA ILE B 192 -0.75 -0.65 -4.85
C ILE B 192 -2.18 -1.03 -5.21
N THR B 193 -2.38 -2.25 -5.74
CA THR B 193 -3.73 -2.74 -5.99
C THR B 193 -4.53 -2.83 -4.71
N ALA B 194 -3.90 -3.27 -3.62
CA ALA B 194 -4.58 -3.31 -2.33
C ALA B 194 -4.96 -1.91 -1.85
N SER B 195 -4.06 -0.94 -2.07
CA SER B 195 -4.39 0.44 -1.73
C SER B 195 -5.54 0.95 -2.59
N LEU B 196 -5.56 0.53 -3.87
CA LEU B 196 -6.67 0.91 -4.75
C LEU B 196 -7.98 0.31 -4.27
N ARG B 197 -7.96 -0.95 -3.84
CA ARG B 197 -9.18 -1.58 -3.34
C ARG B 197 -9.70 -0.84 -2.11
N VAL B 198 -8.79 -0.45 -1.20
CA VAL B 198 -9.20 0.33 -0.03
C VAL B 198 -9.79 1.66 -0.48
N LEU B 199 -9.24 2.25 -1.53
CA LEU B 199 -9.78 3.50 -2.05
C LEU B 199 -11.19 3.31 -2.61
N THR B 200 -11.42 2.21 -3.32
CA THR B 200 -12.73 1.98 -3.92
C THR B 200 -13.81 1.80 -2.86
N PHE B 201 -13.46 1.20 -1.72
CA PHE B 201 -14.43 1.03 -0.64
C PHE B 201 -14.92 2.37 -0.13
N GLU B 202 -14.00 3.32 0.10
CA GLU B 202 -14.40 4.64 0.56
C GLU B 202 -15.09 5.44 -0.52
N ILE B 203 -14.86 5.12 -1.80
CA ILE B 203 -15.53 5.82 -2.88
C ILE B 203 -17.02 5.46 -2.91
N VAL B 204 -17.32 4.17 -2.80
CA VAL B 204 -18.71 3.73 -2.90
C VAL B 204 -19.50 4.10 -1.65
N ARG B 205 -18.81 4.21 -0.50
CA ARG B 205 -19.50 4.65 0.71
C ARG B 205 -19.92 6.11 0.61
N ARG B 206 -19.06 6.94 0.02
CA ARG B 206 -19.35 8.38 -0.07
C ARG B 206 -20.24 8.70 -1.26
N ASN B 207 -19.87 8.21 -2.44
CA ASN B 207 -20.65 8.51 -3.64
C ASN B 207 -21.99 7.79 -3.62
N SER B 208 -22.00 6.52 -3.23
CA SER B 208 -23.22 5.70 -3.17
C SER B 208 -23.94 5.68 -4.52
#